data_5X02
#
_entry.id   5X02
#
_cell.length_a   81.993
_cell.length_b   81.993
_cell.length_c   143.558
_cell.angle_alpha   90.000
_cell.angle_beta   90.000
_cell.angle_gamma   90.000
#
_symmetry.space_group_name_H-M   'P 43 21 2'
#
loop_
_entity.id
_entity.type
_entity.pdbx_description
1 polymer 'Receptor-type tyrosine-protein kinase FLT3'
2 non-polymer N-[(2S)-1-[5-[2-[(4-cyanophenyl)amino]-4-(propylamino)pyrimidin-5-yl]pent-4-ynylamino]-1-oxidanylidene-propan-2-yl]-4-(dimethylamino)-N-methyl-but-2-enamide
3 non-polymer 'SULFATE ION'
4 water water
#
_entity_poly.entity_id   1
_entity_poly.type   'polypeptide(L)'
_entity_poly.pdbx_seq_one_letter_code
;GPGHKYKKQFRYESQLQMVQVTGSSDNEYFYVDFREYEYDLKWEFPRENLEFGKVLGSGAFGKVMNATAYGISKTGVSIQ
VAVKMLKEKADSSEREALMSELKMMTQLGSHENIVNLLGACTLSGPIYLIFEYCCYGDLLNYLRSKREKFSEDEIEYENQ
KRLEEEEDLNVLTFEDLLCFAYQVAKGMEFLEFKSCVHRDLAARNVLVTHGKVVKICDFGLARDIMSDSNYVVRGNARLP
VKWMAPESLFEGIYTIKSDVWSYGILLWEIFSLGVNPYPGIPVDANFYKLIQNGFKMDQPFYATEEIYIIMQSCWAFDSR
KRPSFPNLTSFLGCQLADAEEAMYQNV
;
_entity_poly.pdbx_strand_id   A
#
# COMPACT_ATOMS: atom_id res chain seq x y z
N GLU A 13 0.61 -0.41 -14.10
CA GLU A 13 1.88 -0.66 -13.40
C GLU A 13 1.68 -0.68 -11.89
N SER A 14 2.27 -1.68 -11.24
CA SER A 14 2.19 -1.82 -9.79
C SER A 14 3.01 -0.74 -9.10
N GLN A 15 2.48 -0.16 -8.04
CA GLN A 15 3.22 0.83 -7.26
C GLN A 15 4.18 0.14 -6.31
N LEU A 16 3.90 -1.12 -5.99
CA LEU A 16 4.84 -1.96 -5.26
C LEU A 16 5.92 -2.48 -6.21
N GLN A 17 7.18 -2.15 -5.92
CA GLN A 17 8.27 -2.48 -6.81
C GLN A 17 9.43 -3.13 -6.07
N MET A 18 10.03 -4.15 -6.68
CA MET A 18 11.29 -4.66 -6.20
C MET A 18 12.42 -3.90 -6.87
N VAL A 19 13.43 -3.52 -6.09
CA VAL A 19 14.58 -2.79 -6.64
C VAL A 19 15.90 -3.46 -6.31
N GLN A 20 16.94 -3.08 -7.03
CA GLN A 20 18.30 -3.51 -6.72
C GLN A 20 19.23 -2.31 -6.61
N VAL A 21 19.91 -2.20 -5.47
CA VAL A 21 20.79 -1.08 -5.20
C VAL A 21 22.14 -1.24 -5.91
N THR A 22 22.62 -0.17 -6.53
CA THR A 22 23.88 -0.20 -7.27
C THR A 22 24.85 0.91 -6.84
N GLY A 23 24.74 1.32 -5.59
CA GLY A 23 25.58 2.40 -5.07
C GLY A 23 25.09 2.87 -3.72
N SER A 24 25.90 3.70 -3.06
CA SER A 24 25.62 4.09 -1.68
C SER A 24 24.62 5.25 -1.59
N SER A 25 24.51 6.04 -2.64
CA SER A 25 23.62 7.21 -2.62
C SER A 25 22.20 6.85 -3.04
N ASP A 26 21.25 7.73 -2.73
CA ASP A 26 19.82 7.45 -2.87
C ASP A 26 19.42 7.06 -4.30
N ASN A 27 19.96 7.74 -5.29
CA ASN A 27 19.50 7.53 -6.67
C ASN A 27 20.12 6.32 -7.36
N GLU A 28 21.02 5.63 -6.67
CA GLU A 28 21.75 4.54 -7.29
C GLU A 28 21.02 3.21 -7.09
N TYR A 29 20.06 2.95 -7.95
CA TYR A 29 19.29 1.71 -7.93
C TYR A 29 18.54 1.59 -9.25
N PHE A 30 17.93 0.44 -9.49
CA PHE A 30 17.06 0.27 -10.64
C PHE A 30 15.94 -0.70 -10.28
N TYR A 31 14.87 -0.66 -11.05
CA TYR A 31 13.69 -1.47 -10.77
C TYR A 31 13.77 -2.84 -11.42
N VAL A 32 13.48 -3.87 -10.64
CA VAL A 32 13.48 -5.24 -11.14
C VAL A 32 12.22 -5.53 -11.94
N ASP A 33 12.40 -5.93 -13.19
CA ASP A 33 11.27 -6.27 -14.04
C ASP A 33 11.20 -7.78 -14.28
N PHE A 34 10.10 -8.38 -13.84
CA PHE A 34 9.92 -9.83 -13.92
C PHE A 34 9.36 -10.28 -15.26
N ARG A 35 9.30 -9.37 -16.21
CA ARG A 35 8.78 -9.68 -17.54
C ARG A 35 9.49 -10.87 -18.19
N GLU A 36 10.79 -11.03 -17.96
CA GLU A 36 11.56 -12.10 -18.62
C GLU A 36 11.63 -13.39 -17.79
N TYR A 37 11.26 -13.32 -16.52
CA TYR A 37 11.29 -14.50 -15.66
C TYR A 37 10.08 -15.40 -15.92
N GLU A 38 10.16 -16.65 -15.49
CA GLU A 38 9.06 -17.58 -15.73
C GLU A 38 8.14 -17.67 -14.53
N TYR A 39 6.86 -17.83 -14.83
CA TYR A 39 5.82 -17.96 -13.82
C TYR A 39 5.80 -19.37 -13.24
N ASP A 40 5.87 -19.46 -11.92
CA ASP A 40 5.82 -20.73 -11.23
C ASP A 40 4.40 -21.29 -11.22
N LEU A 41 4.20 -22.38 -11.97
CA LEU A 41 2.87 -22.94 -12.21
C LEU A 41 2.19 -23.52 -10.99
N LYS A 42 2.88 -23.57 -9.85
CA LYS A 42 2.28 -24.12 -8.64
C LYS A 42 1.25 -23.18 -8.05
N TRP A 43 1.19 -21.95 -8.55
CA TRP A 43 0.25 -20.96 -8.05
C TRP A 43 -1.07 -21.01 -8.82
N GLU A 44 -1.10 -21.76 -9.91
CA GLU A 44 -2.28 -21.79 -10.76
C GLU A 44 -3.50 -22.39 -10.04
N PHE A 45 -4.65 -21.78 -10.28
CA PHE A 45 -5.91 -22.15 -9.62
C PHE A 45 -6.99 -22.36 -10.67
N PRO A 46 -7.85 -23.39 -10.48
CA PRO A 46 -8.90 -23.64 -11.47
C PRO A 46 -9.93 -22.51 -11.52
N ARG A 47 -10.15 -21.98 -12.72
CA ARG A 47 -11.06 -20.86 -12.90
C ARG A 47 -12.50 -21.19 -12.54
N GLU A 48 -12.94 -22.39 -12.91
CA GLU A 48 -14.30 -22.85 -12.66
C GLU A 48 -14.66 -22.84 -11.17
N ASN A 49 -13.66 -22.71 -10.30
CA ASN A 49 -13.89 -22.71 -8.86
C ASN A 49 -14.00 -21.31 -8.25
N LEU A 50 -14.16 -20.31 -9.11
CA LEU A 50 -14.37 -18.95 -8.65
C LEU A 50 -15.81 -18.51 -8.87
N GLU A 51 -16.59 -18.47 -7.81
CA GLU A 51 -17.94 -17.92 -7.88
C GLU A 51 -17.88 -16.44 -7.48
N PHE A 52 -17.92 -15.57 -8.48
CA PHE A 52 -17.73 -14.13 -8.26
C PHE A 52 -18.91 -13.45 -7.58
N GLY A 53 -18.63 -12.78 -6.46
CA GLY A 53 -19.55 -11.81 -5.91
C GLY A 53 -19.48 -10.57 -6.79
N LYS A 54 -19.65 -9.39 -6.23
CA LYS A 54 -19.56 -8.20 -7.07
C LYS A 54 -18.49 -7.20 -6.60
N VAL A 55 -18.20 -6.26 -7.49
CA VAL A 55 -17.04 -5.36 -7.41
C VAL A 55 -16.78 -4.75 -6.04
N LEU A 56 -15.49 -4.63 -5.69
CA LEU A 56 -15.07 -4.00 -4.45
C LEU A 56 -14.38 -2.67 -4.76
N GLY A 57 -13.85 -2.55 -5.96
CA GLY A 57 -13.14 -1.35 -6.37
C GLY A 57 -12.90 -1.38 -7.87
N SER A 58 -12.80 -0.20 -8.47
CA SER A 58 -12.66 -0.13 -9.92
C SER A 58 -11.71 0.97 -10.36
N GLY A 59 -10.72 0.59 -11.15
CA GLY A 59 -9.83 1.54 -11.78
C GLY A 59 -10.25 1.72 -13.22
N ALA A 60 -9.49 2.50 -13.98
CA ALA A 60 -9.82 2.76 -15.36
C ALA A 60 -9.60 1.51 -16.21
N PHE A 61 -8.56 0.75 -15.87
CA PHE A 61 -8.19 -0.43 -16.65
C PHE A 61 -7.98 -1.65 -15.76
N GLY A 62 -9.01 -2.02 -15.02
CA GLY A 62 -8.92 -3.16 -14.12
C GLY A 62 -9.72 -2.95 -12.85
N LYS A 63 -10.05 -4.05 -12.17
CA LYS A 63 -10.88 -3.98 -10.98
C LYS A 63 -10.60 -5.14 -10.03
N VAL A 64 -10.89 -4.91 -8.75
CA VAL A 64 -10.88 -5.99 -7.77
C VAL A 64 -12.31 -6.37 -7.44
N MET A 65 -12.61 -7.66 -7.50
CA MET A 65 -13.98 -8.12 -7.27
C MET A 65 -14.08 -9.10 -6.11
N ASN A 66 -15.25 -9.12 -5.48
CA ASN A 66 -15.56 -10.14 -4.50
C ASN A 66 -15.64 -11.48 -5.19
N ALA A 67 -15.27 -12.53 -4.47
CA ALA A 67 -15.36 -13.87 -5.02
C ALA A 67 -15.33 -14.91 -3.92
N THR A 68 -16.04 -16.00 -4.13
CA THR A 68 -15.95 -17.15 -3.25
C THR A 68 -15.04 -18.19 -3.91
N ALA A 69 -13.95 -18.53 -3.22
CA ALA A 69 -12.98 -19.46 -3.77
C ALA A 69 -13.01 -20.76 -3.00
N TYR A 70 -13.33 -21.85 -3.69
CA TYR A 70 -13.42 -23.15 -3.02
C TYR A 70 -12.12 -23.94 -3.10
N GLY A 71 -11.59 -24.31 -1.95
CA GLY A 71 -10.46 -25.23 -1.86
C GLY A 71 -9.08 -24.58 -1.90
N ILE A 72 -9.04 -23.26 -1.85
CA ILE A 72 -7.80 -22.54 -2.08
C ILE A 72 -6.81 -22.59 -0.89
N SER A 73 -7.28 -22.97 0.29
CA SER A 73 -6.36 -23.12 1.41
C SER A 73 -6.76 -24.23 2.38
N LYS A 74 -7.95 -24.78 2.19
CA LYS A 74 -8.37 -25.97 2.93
C LYS A 74 -9.46 -26.68 2.16
N THR A 75 -9.24 -27.96 1.85
CA THR A 75 -10.24 -28.77 1.17
C THR A 75 -11.47 -28.93 2.06
N GLY A 76 -12.65 -28.73 1.46
CA GLY A 76 -13.89 -28.80 2.20
C GLY A 76 -14.25 -27.48 2.82
N VAL A 77 -13.32 -26.52 2.75
CA VAL A 77 -13.53 -25.19 3.31
C VAL A 77 -13.43 -24.11 2.25
N SER A 78 -14.57 -23.53 1.91
CA SER A 78 -14.63 -22.42 0.96
C SER A 78 -14.48 -21.10 1.71
N ILE A 79 -13.67 -20.19 1.18
CA ILE A 79 -13.47 -18.88 1.81
C ILE A 79 -13.70 -17.74 0.82
N GLN A 80 -13.74 -16.52 1.33
CA GLN A 80 -13.91 -15.34 0.50
C GLN A 80 -12.58 -14.76 0.08
N VAL A 81 -12.50 -14.28 -1.16
CA VAL A 81 -11.25 -13.71 -1.68
C VAL A 81 -11.50 -12.44 -2.48
N ALA A 82 -10.42 -11.73 -2.78
CA ALA A 82 -10.48 -10.57 -3.66
C ALA A 82 -9.67 -10.87 -4.92
N VAL A 83 -10.31 -10.71 -6.07
CA VAL A 83 -9.68 -11.11 -7.32
C VAL A 83 -9.37 -9.93 -8.22
N LYS A 84 -8.09 -9.59 -8.33
CA LYS A 84 -7.65 -8.52 -9.21
C LYS A 84 -7.60 -8.99 -10.66
N MET A 85 -8.29 -8.28 -11.53
CA MET A 85 -8.37 -8.68 -12.94
C MET A 85 -8.38 -7.47 -13.85
N LEU A 86 -8.23 -7.70 -15.14
CA LEU A 86 -8.25 -6.60 -16.11
C LEU A 86 -9.68 -6.29 -16.54
N LYS A 87 -9.91 -5.06 -16.97
CA LYS A 87 -11.22 -4.61 -17.43
C LYS A 87 -11.64 -5.36 -18.69
N GLU A 88 -12.90 -5.17 -19.12
CA GLU A 88 -13.44 -5.85 -20.29
C GLU A 88 -12.55 -5.65 -21.51
N LYS A 89 -12.01 -4.46 -21.66
CA LYS A 89 -10.97 -4.19 -22.64
C LYS A 89 -9.63 -4.69 -22.11
N ALA A 90 -8.93 -5.50 -22.89
CA ALA A 90 -7.71 -6.11 -22.41
C ALA A 90 -6.72 -6.44 -23.53
N ASP A 91 -5.99 -5.44 -24.00
CA ASP A 91 -4.98 -5.66 -25.02
C ASP A 91 -3.69 -6.15 -24.37
N SER A 92 -2.93 -6.94 -25.12
CA SER A 92 -1.81 -7.74 -24.62
C SER A 92 -0.85 -7.05 -23.64
N SER A 93 -0.62 -5.75 -23.82
CA SER A 93 0.36 -5.04 -23.01
C SER A 93 -0.05 -4.96 -21.55
N GLU A 94 -1.34 -4.80 -21.30
CA GLU A 94 -1.86 -4.67 -19.94
C GLU A 94 -1.70 -5.98 -19.15
N ARG A 95 -1.79 -7.10 -19.86
CA ARG A 95 -1.76 -8.40 -19.22
C ARG A 95 -0.36 -8.78 -18.75
N GLU A 96 0.65 -8.39 -19.52
CA GLU A 96 2.03 -8.67 -19.13
C GLU A 96 2.39 -7.97 -17.81
N ALA A 97 1.86 -6.76 -17.63
CA ALA A 97 2.10 -6.02 -16.39
C ALA A 97 1.45 -6.72 -15.20
N LEU A 98 0.30 -7.33 -15.45
CA LEU A 98 -0.41 -8.06 -14.41
C LEU A 98 0.33 -9.35 -14.12
N MET A 99 0.93 -9.94 -15.15
CA MET A 99 1.76 -11.13 -15.00
C MET A 99 3.03 -10.82 -14.22
N SER A 100 3.69 -9.71 -14.56
CA SER A 100 4.92 -9.31 -13.89
C SER A 100 4.66 -9.08 -12.41
N GLU A 101 3.52 -8.48 -12.12
CA GLU A 101 3.11 -8.24 -10.74
C GLU A 101 2.87 -9.57 -10.04
N LEU A 102 2.20 -10.47 -10.74
CA LEU A 102 1.93 -11.81 -10.22
C LEU A 102 3.24 -12.52 -9.85
N LYS A 103 4.18 -12.52 -10.79
CA LYS A 103 5.47 -13.17 -10.58
C LYS A 103 6.19 -12.59 -9.37
N MET A 104 6.11 -11.27 -9.20
CA MET A 104 6.78 -10.63 -8.09
C MET A 104 6.18 -11.09 -6.77
N MET A 105 4.86 -11.24 -6.73
CA MET A 105 4.18 -11.64 -5.51
C MET A 105 4.47 -13.08 -5.16
N THR A 106 4.63 -13.92 -6.18
CA THR A 106 4.99 -15.31 -5.95
C THR A 106 6.37 -15.42 -5.30
N GLN A 107 7.20 -14.40 -5.47
CA GLN A 107 8.57 -14.47 -4.98
C GLN A 107 8.77 -13.68 -3.69
N LEU A 108 7.76 -12.88 -3.33
CA LEU A 108 7.81 -12.10 -2.09
C LEU A 108 7.74 -12.96 -0.85
N GLY A 109 6.90 -13.99 -0.88
CA GLY A 109 6.56 -14.74 0.31
C GLY A 109 5.46 -14.03 1.08
N SER A 110 4.71 -14.79 1.88
CA SER A 110 3.59 -14.22 2.64
C SER A 110 4.05 -13.59 3.96
N HIS A 111 3.21 -12.69 4.48
CA HIS A 111 3.45 -12.01 5.76
C HIS A 111 2.08 -11.57 6.28
N GLU A 112 1.91 -11.53 7.60
CA GLU A 112 0.59 -11.26 8.18
C GLU A 112 0.08 -9.87 7.79
N ASN A 113 1.00 -8.92 7.72
CA ASN A 113 0.67 -7.53 7.45
C ASN A 113 0.80 -7.14 5.97
N ILE A 114 0.61 -8.13 5.10
CA ILE A 114 0.64 -7.91 3.67
C ILE A 114 -0.57 -8.60 3.06
N VAL A 115 -1.28 -7.92 2.17
CA VAL A 115 -2.33 -8.59 1.42
C VAL A 115 -1.69 -9.65 0.54
N ASN A 116 -1.83 -10.91 0.93
CA ASN A 116 -1.07 -11.98 0.31
C ASN A 116 -1.70 -12.57 -0.94
N LEU A 117 -0.86 -13.04 -1.84
CA LEU A 117 -1.31 -13.79 -3.00
C LEU A 117 -1.66 -15.21 -2.57
N LEU A 118 -2.77 -15.73 -3.10
CA LEU A 118 -3.23 -17.06 -2.75
C LEU A 118 -3.21 -17.99 -3.96
N GLY A 119 -3.33 -17.43 -5.15
CA GLY A 119 -3.34 -18.22 -6.37
C GLY A 119 -3.60 -17.33 -7.56
N ALA A 120 -3.64 -17.92 -8.75
CA ALA A 120 -3.89 -17.16 -9.96
C ALA A 120 -4.54 -18.02 -11.05
N CYS A 121 -5.11 -17.35 -12.06
CA CYS A 121 -5.70 -18.02 -13.21
C CYS A 121 -5.17 -17.36 -14.48
N THR A 122 -4.35 -18.08 -15.23
CA THR A 122 -3.63 -17.45 -16.34
C THR A 122 -3.67 -18.24 -17.65
N LEU A 123 -4.06 -19.51 -17.59
CA LEU A 123 -3.95 -20.37 -18.75
C LEU A 123 -5.18 -20.39 -19.65
N SER A 124 -6.30 -20.89 -19.13
CA SER A 124 -7.50 -21.06 -19.94
C SER A 124 -8.36 -19.80 -20.00
N GLY A 125 -7.75 -18.65 -20.31
CA GLY A 125 -8.50 -17.42 -20.47
C GLY A 125 -7.86 -16.20 -19.85
N PRO A 126 -8.69 -15.29 -19.30
CA PRO A 126 -8.27 -14.00 -18.75
C PRO A 126 -7.55 -14.11 -17.41
N ILE A 127 -6.62 -13.19 -17.16
CA ILE A 127 -5.77 -13.26 -15.98
C ILE A 127 -6.47 -12.82 -14.70
N TYR A 128 -6.52 -13.73 -13.73
CA TYR A 128 -7.02 -13.42 -12.40
C TYR A 128 -5.91 -13.53 -11.37
N LEU A 129 -5.74 -12.49 -10.56
CA LEU A 129 -4.85 -12.58 -9.41
C LEU A 129 -5.68 -12.66 -8.15
N ILE A 130 -5.52 -13.74 -7.40
CA ILE A 130 -6.36 -13.99 -6.24
C ILE A 130 -5.68 -13.60 -4.93
N PHE A 131 -6.22 -12.59 -4.27
CA PHE A 131 -5.67 -12.13 -2.99
C PHE A 131 -6.63 -12.35 -1.83
N GLU A 132 -6.12 -12.17 -0.62
CA GLU A 132 -6.92 -12.26 0.59
C GLU A 132 -8.10 -11.27 0.56
N TYR A 133 -9.20 -11.66 1.19
CA TYR A 133 -10.33 -10.76 1.35
C TYR A 133 -10.22 -10.05 2.69
N CYS A 134 -10.44 -8.74 2.70
CA CYS A 134 -10.34 -7.98 3.92
C CYS A 134 -11.68 -7.33 4.25
N CYS A 135 -12.46 -8.01 5.10
CA CYS A 135 -13.89 -7.72 5.19
C CYS A 135 -14.22 -6.35 5.80
N TYR A 136 -13.25 -5.71 6.44
CA TYR A 136 -13.50 -4.39 7.02
C TYR A 136 -13.07 -3.25 6.09
N GLY A 137 -12.65 -3.59 4.87
CA GLY A 137 -12.27 -2.58 3.89
C GLY A 137 -11.00 -1.81 4.23
N ASP A 138 -10.78 -0.70 3.53
CA ASP A 138 -9.53 0.05 3.67
C ASP A 138 -9.47 0.78 5.01
N LEU A 139 -8.25 1.00 5.48
CA LEU A 139 -8.02 1.62 6.79
C LEU A 139 -8.51 3.06 6.85
N LEU A 140 -8.47 3.77 5.72
CA LEU A 140 -8.89 5.18 5.71
C LEU A 140 -10.37 5.29 6.04
N ASN A 141 -11.22 4.68 5.21
CA ASN A 141 -12.66 4.66 5.45
C ASN A 141 -13.03 4.02 6.79
N TYR A 142 -12.21 3.07 7.24
CA TYR A 142 -12.41 2.45 8.53
C TYR A 142 -12.28 3.46 9.68
N LEU A 143 -11.19 4.22 9.68
CA LEU A 143 -10.95 5.19 10.74
C LEU A 143 -12.00 6.30 10.72
N ARG A 144 -12.43 6.72 9.53
CA ARG A 144 -13.38 7.81 9.41
C ARG A 144 -14.76 7.39 9.90
N SER A 145 -15.03 6.09 9.84
CA SER A 145 -16.30 5.54 10.31
C SER A 145 -16.31 5.41 11.82
N LYS A 146 -15.16 5.55 12.46
CA LYS A 146 -15.06 5.39 13.91
C LYS A 146 -14.81 6.73 14.59
N ARG A 147 -15.12 7.82 13.90
CA ARG A 147 -14.96 9.15 14.49
C ARG A 147 -15.95 9.36 15.64
N GLU A 148 -17.17 8.87 15.47
CA GLU A 148 -18.17 8.89 16.54
C GLU A 148 -17.83 7.86 17.61
N LYS A 149 -17.61 6.62 17.19
CA LYS A 149 -17.39 5.51 18.11
C LYS A 149 -15.97 5.42 18.65
N PHE A 150 -15.44 6.54 19.17
CA PHE A 150 -14.08 6.53 19.72
C PHE A 150 -14.08 6.86 21.20
N SER A 151 -13.14 6.27 21.94
CA SER A 151 -13.00 6.52 23.37
C SER A 151 -11.80 7.43 23.65
N VAL A 171 -16.40 0.39 18.28
CA VAL A 171 -15.66 1.19 19.25
C VAL A 171 -14.14 1.11 19.02
N LEU A 172 -13.50 2.27 18.94
CA LEU A 172 -12.07 2.35 18.66
C LEU A 172 -11.31 3.04 19.80
N THR A 173 -10.14 2.52 20.13
CA THR A 173 -9.35 3.04 21.23
C THR A 173 -8.00 3.56 20.77
N PHE A 174 -7.23 4.13 21.70
CA PHE A 174 -5.89 4.62 21.37
C PHE A 174 -4.97 3.45 21.05
N GLU A 175 -5.13 2.35 21.78
CA GLU A 175 -4.27 1.19 21.59
C GLU A 175 -4.47 0.59 20.20
N ASP A 176 -5.71 0.63 19.72
CA ASP A 176 -6.00 0.17 18.36
C ASP A 176 -5.23 0.98 17.32
N LEU A 177 -5.14 2.29 17.54
CA LEU A 177 -4.38 3.18 16.67
C LEU A 177 -2.89 2.84 16.71
N LEU A 178 -2.41 2.57 17.92
CA LEU A 178 -1.02 2.21 18.12
C LEU A 178 -0.72 0.84 17.50
N CYS A 179 -1.68 -0.07 17.57
CA CYS A 179 -1.52 -1.39 16.98
C CYS A 179 -1.48 -1.29 15.46
N PHE A 180 -2.40 -0.51 14.89
CA PHE A 180 -2.41 -0.23 13.45
C PHE A 180 -1.06 0.27 12.97
N ALA A 181 -0.55 1.30 13.64
CA ALA A 181 0.74 1.89 13.32
C ALA A 181 1.85 0.84 13.35
N TYR A 182 1.80 -0.02 14.36
CA TYR A 182 2.80 -1.07 14.55
C TYR A 182 2.77 -2.11 13.45
N GLN A 183 1.57 -2.59 13.12
CA GLN A 183 1.39 -3.58 12.07
C GLN A 183 1.86 -3.08 10.71
N VAL A 184 1.56 -1.82 10.39
CA VAL A 184 1.99 -1.24 9.12
C VAL A 184 3.51 -1.14 9.07
N ALA A 185 4.12 -0.72 10.18
CA ALA A 185 5.58 -0.64 10.24
C ALA A 185 6.22 -2.01 10.11
N LYS A 186 5.53 -3.04 10.58
CA LYS A 186 6.02 -4.42 10.47
C LYS A 186 5.98 -4.87 9.01
N GLY A 187 4.88 -4.53 8.33
CA GLY A 187 4.74 -4.85 6.93
C GLY A 187 5.79 -4.18 6.07
N MET A 188 6.11 -2.93 6.38
CA MET A 188 7.10 -2.20 5.62
C MET A 188 8.49 -2.74 5.89
N GLU A 189 8.68 -3.28 7.09
CA GLU A 189 9.95 -3.90 7.44
C GLU A 189 10.17 -5.15 6.61
N PHE A 190 9.09 -5.91 6.38
CA PHE A 190 9.13 -7.10 5.55
C PHE A 190 9.46 -6.75 4.10
N LEU A 191 8.89 -5.66 3.61
CA LEU A 191 9.16 -5.22 2.24
C LEU A 191 10.60 -4.76 2.08
N GLU A 192 11.16 -4.14 3.13
CA GLU A 192 12.54 -3.68 3.09
C GLU A 192 13.49 -4.86 3.07
N PHE A 193 13.17 -5.85 3.88
CA PHE A 193 13.92 -7.10 3.94
C PHE A 193 13.92 -7.80 2.58
N LYS A 194 12.82 -7.69 1.86
CA LYS A 194 12.69 -8.31 0.54
C LYS A 194 13.11 -7.36 -0.58
N SER A 195 13.86 -6.31 -0.22
CA SER A 195 14.38 -5.35 -1.19
C SER A 195 13.28 -4.73 -2.06
N CYS A 196 12.14 -4.42 -1.44
CA CYS A 196 11.03 -3.78 -2.13
C CYS A 196 10.83 -2.33 -1.71
N VAL A 197 10.13 -1.57 -2.55
CA VAL A 197 9.63 -0.26 -2.16
C VAL A 197 8.15 -0.13 -2.50
N HIS A 198 7.45 0.71 -1.74
CA HIS A 198 6.04 0.97 -1.96
C HIS A 198 5.87 2.44 -2.32
N ARG A 199 5.69 2.74 -3.60
CA ARG A 199 5.69 4.13 -4.01
C ARG A 199 4.35 4.84 -3.80
N ASP A 200 3.45 4.21 -3.04
CA ASP A 200 2.13 4.77 -2.78
C ASP A 200 1.62 4.33 -1.40
N LEU A 201 2.44 4.52 -0.38
CA LEU A 201 2.06 4.11 0.97
C LEU A 201 1.13 5.16 1.59
N ALA A 202 -0.05 4.72 2.00
CA ALA A 202 -1.08 5.62 2.52
C ALA A 202 -2.18 4.79 3.16
N ALA A 203 -2.91 5.39 4.09
CA ALA A 203 -3.97 4.68 4.82
C ALA A 203 -5.01 4.07 3.87
N ARG A 204 -5.20 4.66 2.69
CA ARG A 204 -6.14 4.12 1.70
C ARG A 204 -5.65 2.79 1.09
N ASN A 205 -4.36 2.52 1.17
CA ASN A 205 -3.79 1.28 0.61
C ASN A 205 -3.51 0.24 1.68
N VAL A 206 -4.03 0.51 2.88
CA VAL A 206 -3.99 -0.46 3.97
C VAL A 206 -5.38 -1.02 4.18
N LEU A 207 -5.49 -2.34 4.21
CA LEU A 207 -6.78 -3.00 4.40
C LEU A 207 -6.93 -3.54 5.83
N VAL A 208 -8.15 -3.86 6.23
CA VAL A 208 -8.44 -4.30 7.59
C VAL A 208 -9.20 -5.62 7.63
N THR A 209 -8.70 -6.59 8.40
CA THR A 209 -9.41 -7.87 8.59
C THR A 209 -9.70 -8.20 10.05
N HIS A 210 -10.02 -9.48 10.26
CA HIS A 210 -10.27 -10.04 11.58
C HIS A 210 -9.20 -9.65 12.59
N GLY A 211 -9.59 -9.55 13.86
CA GLY A 211 -8.65 -9.26 14.93
C GLY A 211 -8.03 -7.89 14.81
N LYS A 212 -8.71 -7.00 14.09
CA LYS A 212 -8.20 -5.67 13.79
C LYS A 212 -6.79 -5.73 13.17
N VAL A 213 -6.60 -6.73 12.31
CA VAL A 213 -5.33 -6.91 11.62
C VAL A 213 -5.31 -6.14 10.31
N VAL A 214 -4.28 -5.33 10.11
CA VAL A 214 -4.17 -4.55 8.88
C VAL A 214 -3.07 -5.08 7.97
N LYS A 215 -3.33 -5.03 6.67
CA LYS A 215 -2.43 -5.56 5.66
C LYS A 215 -2.08 -4.51 4.61
N ILE A 216 -0.79 -4.34 4.34
CA ILE A 216 -0.38 -3.41 3.29
C ILE A 216 -0.77 -3.93 1.93
N CYS A 217 -1.37 -3.07 1.12
CA CYS A 217 -1.84 -3.47 -0.19
C CYS A 217 -1.28 -2.55 -1.26
N ASP A 218 -1.58 -2.88 -2.51
CA ASP A 218 -1.30 -1.99 -3.61
C ASP A 218 -2.20 -2.26 -4.79
N PHE A 219 -3.13 -1.34 -5.03
CA PHE A 219 -3.90 -1.39 -6.26
C PHE A 219 -3.89 -0.02 -6.91
N GLY A 220 -3.44 0.02 -8.15
CA GLY A 220 -3.45 1.23 -8.95
C GLY A 220 -4.10 0.90 -10.27
N LEU A 221 -3.91 -0.36 -10.68
CA LEU A 221 -4.55 -0.87 -11.89
C LEU A 221 -6.02 -1.11 -11.61
N ALA A 222 -6.36 -1.23 -10.32
CA ALA A 222 -7.74 -1.42 -9.88
C ALA A 222 -8.16 -0.30 -8.93
N ARG A 223 -7.50 0.85 -9.03
CA ARG A 223 -7.85 2.00 -8.23
C ARG A 223 -8.34 3.17 -9.09
N ASP A 224 -9.53 3.65 -8.77
CA ASP A 224 -10.05 4.86 -9.39
C ASP A 224 -9.10 6.01 -9.06
N ILE A 225 -8.19 6.29 -9.99
CA ILE A 225 -7.01 7.09 -9.68
C ILE A 225 -7.22 8.59 -9.88
N MET A 226 -8.22 9.00 -10.67
CA MET A 226 -8.46 10.43 -10.81
C MET A 226 -9.93 10.88 -10.82
N SER A 227 -10.72 10.31 -9.93
CA SER A 227 -11.85 11.02 -9.36
C SER A 227 -11.49 11.16 -7.89
N ASP A 228 -10.37 10.52 -7.57
CA ASP A 228 -9.66 10.66 -6.30
C ASP A 228 -8.70 11.84 -6.43
N SER A 229 -8.99 12.93 -5.75
CA SER A 229 -8.22 14.16 -5.93
C SER A 229 -6.87 14.14 -5.19
N ASN A 230 -6.52 13.00 -4.61
CA ASN A 230 -5.24 12.87 -3.92
C ASN A 230 -4.11 12.50 -4.87
N TYR A 231 -4.46 12.09 -6.09
CA TYR A 231 -3.47 11.80 -7.11
C TYR A 231 -3.47 12.92 -8.13
N VAL A 232 -2.27 13.37 -8.49
CA VAL A 232 -2.16 14.43 -9.48
C VAL A 232 -1.59 13.88 -10.78
N VAL A 233 -2.30 14.11 -11.88
CA VAL A 233 -1.84 13.67 -13.19
C VAL A 233 -0.69 14.53 -13.71
N ARG A 234 0.40 13.88 -14.09
CA ARG A 234 1.55 14.56 -14.69
C ARG A 234 2.23 13.64 -15.70
N GLY A 235 1.83 13.74 -16.96
CA GLY A 235 2.32 12.85 -18.00
C GLY A 235 1.71 11.47 -17.84
N ASN A 236 2.56 10.46 -17.72
CA ASN A 236 2.09 9.09 -17.51
C ASN A 236 1.94 8.77 -16.03
N ALA A 237 2.43 9.69 -15.19
CA ALA A 237 2.45 9.48 -13.74
C ALA A 237 1.17 9.94 -13.06
N ARG A 238 0.80 9.22 -12.00
CA ARG A 238 -0.31 9.59 -11.15
C ARG A 238 0.23 9.73 -9.72
N LEU A 239 0.55 10.95 -9.33
CA LEU A 239 1.36 11.18 -8.13
C LEU A 239 0.53 11.48 -6.87
N PRO A 240 0.69 10.63 -5.85
CA PRO A 240 0.12 10.89 -4.51
C PRO A 240 0.92 11.97 -3.78
N VAL A 241 0.81 13.20 -4.27
CA VAL A 241 1.72 14.28 -3.92
C VAL A 241 1.89 14.53 -2.41
N LYS A 242 0.79 14.56 -1.68
CA LYS A 242 0.85 14.86 -0.25
C LYS A 242 1.50 13.75 0.57
N TRP A 243 1.79 12.61 -0.05
CA TRP A 243 2.42 11.50 0.66
C TRP A 243 3.88 11.31 0.25
N MET A 244 4.34 12.11 -0.71
CA MET A 244 5.66 11.87 -1.31
C MET A 244 6.80 12.60 -0.62
N ALA A 245 7.93 11.91 -0.46
CA ALA A 245 9.15 12.52 0.06
C ALA A 245 9.65 13.56 -0.93
N PRO A 246 10.40 14.57 -0.45
CA PRO A 246 10.93 15.60 -1.34
C PRO A 246 11.71 15.02 -2.50
N GLU A 247 12.54 14.00 -2.24
CA GLU A 247 13.36 13.40 -3.29
C GLU A 247 12.50 12.73 -4.36
N SER A 248 11.33 12.23 -3.95
CA SER A 248 10.38 11.66 -4.90
C SER A 248 9.69 12.76 -5.69
N LEU A 249 9.25 13.80 -4.98
CA LEU A 249 8.57 14.94 -5.60
C LEU A 249 9.43 15.64 -6.64
N PHE A 250 10.69 15.89 -6.31
CA PHE A 250 11.53 16.77 -7.11
C PHE A 250 12.48 16.04 -8.05
N GLU A 251 12.89 14.84 -7.67
CA GLU A 251 13.87 14.09 -8.46
C GLU A 251 13.36 12.71 -8.93
N GLY A 252 12.19 12.31 -8.47
CA GLY A 252 11.64 11.02 -8.87
C GLY A 252 12.38 9.83 -8.28
N ILE A 253 13.03 10.06 -7.14
CA ILE A 253 13.72 9.01 -6.40
C ILE A 253 12.80 8.32 -5.39
N TYR A 254 12.68 7.00 -5.49
CA TYR A 254 11.89 6.22 -4.54
C TYR A 254 12.74 5.16 -3.84
N THR A 255 13.09 5.42 -2.58
CA THR A 255 13.81 4.46 -1.75
C THR A 255 12.95 4.00 -0.59
N ILE A 256 13.49 3.11 0.24
CA ILE A 256 12.77 2.67 1.43
C ILE A 256 12.69 3.82 2.43
N LYS A 257 13.57 4.81 2.28
CA LYS A 257 13.58 5.97 3.15
C LYS A 257 12.50 6.95 2.70
N SER A 258 12.17 6.93 1.41
CA SER A 258 11.02 7.64 0.91
C SER A 258 9.76 7.10 1.57
N ASP A 259 9.74 5.79 1.78
CA ASP A 259 8.62 5.13 2.43
C ASP A 259 8.51 5.53 3.89
N VAL A 260 9.64 5.83 4.52
CA VAL A 260 9.60 6.29 5.91
C VAL A 260 8.87 7.62 5.98
N TRP A 261 9.16 8.51 5.05
CA TRP A 261 8.45 9.78 4.93
C TRP A 261 6.95 9.50 4.80
N SER A 262 6.58 8.72 3.79
CA SER A 262 5.19 8.35 3.56
C SER A 262 4.56 7.69 4.78
N TYR A 263 5.35 6.93 5.53
CA TYR A 263 4.87 6.28 6.73
C TYR A 263 4.51 7.32 7.76
N GLY A 264 5.33 8.35 7.85
CA GLY A 264 5.10 9.48 8.74
C GLY A 264 3.76 10.12 8.42
N ILE A 265 3.53 10.37 7.14
CA ILE A 265 2.25 10.91 6.69
C ILE A 265 1.12 9.96 7.07
N LEU A 266 1.32 8.66 6.88
CA LEU A 266 0.30 7.67 7.23
C LEU A 266 0.01 7.68 8.74
N LEU A 267 1.06 7.92 9.53
CA LEU A 267 0.89 8.06 10.97
C LEU A 267 -0.05 9.22 11.32
N TRP A 268 0.09 10.33 10.61
CA TRP A 268 -0.76 11.49 10.83
C TRP A 268 -2.20 11.17 10.46
N GLU A 269 -2.39 10.29 9.48
CA GLU A 269 -3.72 9.85 9.11
C GLU A 269 -4.38 9.05 10.23
N ILE A 270 -3.62 8.15 10.82
CA ILE A 270 -4.12 7.27 11.86
C ILE A 270 -4.52 8.07 13.09
N PHE A 271 -3.64 8.96 13.52
CA PHE A 271 -3.84 9.69 14.75
C PHE A 271 -4.57 11.02 14.54
N SER A 272 -5.27 11.12 13.42
CA SER A 272 -6.22 12.20 13.19
C SER A 272 -7.58 11.59 12.82
N LEU A 273 -7.61 10.27 12.83
CA LEU A 273 -8.77 9.48 12.41
C LEU A 273 -9.19 9.78 10.97
N GLY A 274 -8.22 9.80 10.06
CA GLY A 274 -8.49 9.82 8.63
C GLY A 274 -8.62 11.18 7.99
N VAL A 275 -8.02 12.20 8.61
CA VAL A 275 -8.06 13.54 8.03
C VAL A 275 -7.09 13.62 6.86
N ASN A 276 -7.50 14.31 5.81
CA ASN A 276 -6.63 14.57 4.67
C ASN A 276 -5.39 15.33 5.13
N PRO A 277 -4.20 14.83 4.76
CA PRO A 277 -2.92 15.44 5.15
C PRO A 277 -2.81 16.87 4.65
N TYR A 278 -2.08 17.71 5.41
CA TYR A 278 -2.03 19.14 5.16
C TYR A 278 -3.41 19.72 4.93
N PRO A 279 -4.33 19.52 5.88
CA PRO A 279 -5.75 19.83 5.65
C PRO A 279 -5.97 21.27 5.24
N GLY A 280 -6.71 21.47 4.16
CA GLY A 280 -7.06 22.81 3.72
C GLY A 280 -6.07 23.39 2.75
N ILE A 281 -4.94 22.70 2.57
CA ILE A 281 -3.92 23.17 1.65
C ILE A 281 -4.05 22.42 0.33
N PRO A 282 -4.25 23.16 -0.77
CA PRO A 282 -4.45 22.57 -2.09
C PRO A 282 -3.15 22.12 -2.72
N VAL A 283 -3.22 21.10 -3.57
CA VAL A 283 -2.03 20.67 -4.30
C VAL A 283 -1.83 21.56 -5.51
N ASP A 284 -0.86 22.46 -5.40
CA ASP A 284 -0.53 23.35 -6.48
C ASP A 284 0.95 23.69 -6.37
N ALA A 285 1.42 24.62 -7.18
CA ALA A 285 2.83 25.02 -7.16
C ALA A 285 3.29 25.49 -5.77
N ASN A 286 2.38 26.10 -5.01
CA ASN A 286 2.69 26.56 -3.66
C ASN A 286 3.00 25.40 -2.72
N PHE A 287 2.33 24.28 -2.92
CA PHE A 287 2.55 23.12 -2.06
C PHE A 287 3.97 22.61 -2.23
N TYR A 288 4.45 22.59 -3.47
CA TYR A 288 5.80 22.13 -3.76
C TYR A 288 6.83 23.02 -3.06
N LYS A 289 6.59 24.33 -3.10
CA LYS A 289 7.45 25.27 -2.39
C LYS A 289 7.41 25.06 -0.88
N LEU A 290 6.26 24.66 -0.34
CA LEU A 290 6.13 24.45 1.11
C LEU A 290 7.01 23.31 1.56
N ILE A 291 6.86 22.17 0.88
CA ILE A 291 7.61 20.97 1.22
C ILE A 291 9.10 21.23 1.06
N GLN A 292 9.46 21.87 -0.04
CA GLN A 292 10.84 22.22 -0.32
C GLN A 292 11.48 23.06 0.79
N ASN A 293 10.71 24.00 1.33
CA ASN A 293 11.23 24.86 2.39
C ASN A 293 11.17 24.22 3.77
N GLY A 294 10.71 22.97 3.84
CA GLY A 294 10.71 22.25 5.11
C GLY A 294 9.44 22.34 5.95
N PHE A 295 8.30 22.53 5.31
CA PHE A 295 7.02 22.56 6.00
C PHE A 295 6.73 21.20 6.64
N LYS A 296 6.24 21.21 7.88
CA LYS A 296 5.81 20.00 8.55
C LYS A 296 4.43 20.18 9.17
N MET A 297 3.62 19.13 9.15
CA MET A 297 2.32 19.15 9.80
C MET A 297 2.43 19.21 11.31
N ASP A 298 1.43 19.80 11.95
CA ASP A 298 1.36 19.90 13.40
C ASP A 298 0.89 18.58 14.01
N GLN A 299 1.00 18.48 15.32
CA GLN A 299 0.56 17.28 16.03
C GLN A 299 -0.95 17.08 15.91
N PRO A 300 -1.36 15.91 15.43
CA PRO A 300 -2.80 15.58 15.32
C PRO A 300 -3.39 15.30 16.70
N PHE A 301 -4.71 15.43 16.82
CA PHE A 301 -5.38 15.38 18.11
C PHE A 301 -5.10 14.10 18.90
N TYR A 302 -5.24 12.95 18.26
CA TYR A 302 -5.19 11.69 18.98
C TYR A 302 -3.77 11.15 19.19
N ALA A 303 -2.76 11.98 19.00
CA ALA A 303 -1.38 11.53 19.13
C ALA A 303 -0.66 12.11 20.33
N THR A 304 0.14 11.29 21.00
CA THR A 304 0.97 11.74 22.10
C THR A 304 2.15 12.54 21.55
N GLU A 305 2.84 13.26 22.42
CA GLU A 305 4.00 14.03 22.01
C GLU A 305 5.11 13.11 21.48
N GLU A 306 5.21 11.91 22.07
CA GLU A 306 6.20 10.93 21.63
C GLU A 306 5.98 10.56 20.17
N ILE A 307 4.78 10.09 19.87
CA ILE A 307 4.43 9.69 18.51
C ILE A 307 4.62 10.82 17.51
N TYR A 308 4.34 12.05 17.93
CA TYR A 308 4.50 13.19 17.04
C TYR A 308 5.98 13.49 16.78
N ILE A 309 6.80 13.30 17.79
CA ILE A 309 8.24 13.46 17.62
C ILE A 309 8.75 12.49 16.57
N ILE A 310 8.21 11.27 16.60
CA ILE A 310 8.54 10.26 15.61
C ILE A 310 8.12 10.68 14.19
N MET A 311 6.90 11.19 14.07
CA MET A 311 6.41 11.75 12.81
C MET A 311 7.39 12.74 12.20
N GLN A 312 7.85 13.67 13.04
CA GLN A 312 8.73 14.73 12.55
C GLN A 312 10.05 14.19 12.07
N SER A 313 10.50 13.09 12.68
CA SER A 313 11.76 12.46 12.26
C SER A 313 11.61 11.77 10.91
N CYS A 314 10.41 11.23 10.65
CA CYS A 314 10.10 10.70 9.32
C CYS A 314 10.10 11.81 8.26
N TRP A 315 9.79 13.04 8.67
CA TRP A 315 9.71 14.14 7.72
C TRP A 315 11.00 14.98 7.69
N ALA A 316 12.10 14.37 8.10
CA ALA A 316 13.41 14.99 7.94
C ALA A 316 13.72 15.14 6.46
N PHE A 317 14.12 16.34 6.04
CA PHE A 317 14.33 16.61 4.63
C PHE A 317 15.43 15.73 4.06
N ASP A 318 16.50 15.57 4.83
CA ASP A 318 17.59 14.67 4.48
C ASP A 318 17.20 13.23 4.78
N SER A 319 17.12 12.41 3.73
CA SER A 319 16.67 11.03 3.86
C SER A 319 17.48 10.21 4.84
N ARG A 320 18.73 10.62 5.06
CA ARG A 320 19.64 9.88 5.94
C ARG A 320 19.28 10.01 7.41
N LYS A 321 18.46 11.01 7.75
CA LYS A 321 18.14 11.27 9.14
C LYS A 321 16.82 10.63 9.59
N ARG A 322 16.11 10.01 8.65
CA ARG A 322 14.83 9.39 8.98
C ARG A 322 15.06 8.06 9.68
N PRO A 323 14.16 7.69 10.60
CA PRO A 323 14.28 6.39 11.27
C PRO A 323 14.09 5.24 10.29
N SER A 324 14.51 4.05 10.68
CA SER A 324 14.32 2.87 9.86
C SER A 324 13.08 2.15 10.32
N PHE A 325 12.55 1.29 9.46
CA PHE A 325 11.38 0.51 9.85
C PHE A 325 11.69 -0.52 10.94
N PRO A 326 12.90 -1.11 10.95
CA PRO A 326 13.23 -1.89 12.15
C PRO A 326 13.18 -1.06 13.44
N ASN A 327 13.70 0.16 13.41
CA ASN A 327 13.59 1.06 14.55
C ASN A 327 12.14 1.29 14.98
N LEU A 328 11.31 1.69 14.02
CA LEU A 328 9.91 2.02 14.29
C LEU A 328 9.13 0.81 14.81
N THR A 329 9.37 -0.35 14.22
CA THR A 329 8.63 -1.56 14.58
C THR A 329 8.91 -1.96 16.03
N SER A 330 10.16 -1.86 16.42
CA SER A 330 10.58 -2.22 17.77
C SER A 330 9.98 -1.27 18.81
N PHE A 331 10.10 0.04 18.55
CA PHE A 331 9.65 1.05 19.51
C PHE A 331 8.17 0.91 19.84
N LEU A 332 7.38 0.43 18.88
CA LEU A 332 5.95 0.31 19.09
C LEU A 332 5.60 -0.95 19.89
N GLY A 333 6.42 -1.23 20.90
CA GLY A 333 6.05 -2.15 21.97
C GLY A 333 5.42 -1.30 23.07
N CYS A 334 4.96 -0.12 22.67
CA CYS A 334 4.31 0.82 23.57
C CYS A 334 2.96 0.31 24.04
N GLN A 335 2.40 -0.67 23.32
CA GLN A 335 1.08 -1.22 23.66
C GLN A 335 1.10 -2.00 24.97
N LEU A 336 0.80 -1.30 26.07
CA LEU A 336 0.76 -1.94 27.38
C LEU A 336 -0.66 -1.93 27.93
#